data_6AWE
#
_entry.id   6AWE
#
_cell.length_a   100.380
_cell.length_b   100.380
_cell.length_c   100.380
_cell.angle_alpha   90.00
_cell.angle_beta   90.00
_cell.angle_gamma   90.00
#
_symmetry.space_group_name_H-M   'P 21 3'
#
loop_
_entity.id
_entity.type
_entity.pdbx_description
1 polymer 'Purine nucleoside phosphorylase'
2 non-polymer 'DIMETHYL SULFOXIDE'
3 non-polymer 2-fluoro-6-{[2-(pyridin-2-yl)ethyl]amino}benzonitrile
4 water water
#
_entity_poly.entity_id   1
_entity_poly.type   'polypeptide(L)'
_entity_poly.pdbx_seq_one_letter_code
;MTTPVVANYENASMAADYIKRVSNVLPDIGII(CME)GSGLGKLIEEIEERKVIPYINIPNFPKTTVAGHVGNLVLGSVG
GRKIVAMQGRLHMYEGYSNQEIALPIRVMKLLGVRVLLITNLAGGINRKLKSGDFVLIKGHINFPGLGLNNVLVGPNQDE
FGPRFPDLSNAYDRLLQQLALKIAQENDFQDLVHEGVYAFNGGPTYESPDESNMLLKLGCDVVGMSTVPEVIIACHCGIK
VLAVSLIANNSILDAENDVSINHEKVLAVAEKRADLLQMWFKEIITRLPLD
;
_entity_poly.pdbx_strand_id   A
#
# COMPACT_ATOMS: atom_id res chain seq x y z
N VAL A 5 -12.79 8.99 16.63
CA VAL A 5 -13.60 9.38 15.43
C VAL A 5 -13.88 8.16 14.53
N VAL A 6 -15.18 7.88 14.24
CA VAL A 6 -15.59 6.78 13.37
C VAL A 6 -15.37 7.18 11.90
N ALA A 7 -14.92 6.23 11.07
CA ALA A 7 -14.72 6.44 9.63
C ALA A 7 -16.07 6.33 8.90
N ASN A 8 -17.01 7.19 9.30
CA ASN A 8 -18.32 7.19 8.67
C ASN A 8 -18.45 8.27 7.56
N TYR A 9 -19.62 8.23 6.90
CA TYR A 9 -19.92 9.10 5.76
C TYR A 9 -19.82 10.60 6.13
N GLU A 10 -20.43 10.99 7.25
CA GLU A 10 -20.42 12.39 7.66
C GLU A 10 -18.99 12.89 7.91
N ASN A 11 -18.19 12.08 8.62
CA ASN A 11 -16.87 12.56 9.03
C ASN A 11 -15.92 12.54 7.85
N ALA A 12 -16.00 11.53 6.98
CA ALA A 12 -15.20 11.55 5.77
C ALA A 12 -15.57 12.75 4.88
N SER A 13 -16.86 13.08 4.78
CA SER A 13 -17.29 14.25 4.01
C SER A 13 -16.68 15.55 4.54
N MET A 14 -16.59 15.72 5.87
CA MET A 14 -16.05 16.98 6.39
C MET A 14 -14.58 17.15 6.00
N ALA A 15 -13.83 16.06 6.04
CA ALA A 15 -12.44 16.09 5.60
C ALA A 15 -12.34 16.37 4.10
N ALA A 16 -13.20 15.74 3.29
CA ALA A 16 -13.15 15.99 1.84
C ALA A 16 -13.50 17.44 1.52
N ASP A 17 -14.48 18.01 2.25
CA ASP A 17 -14.82 19.42 2.06
C ASP A 17 -13.60 20.33 2.24
N TYR A 18 -12.84 20.14 3.32
CA TYR A 18 -11.67 20.98 3.59
C TYR A 18 -10.65 20.84 2.48
N ILE A 19 -10.37 19.61 2.07
CA ILE A 19 -9.36 19.34 1.05
C ILE A 19 -9.78 20.01 -0.26
N LYS A 20 -11.05 19.84 -0.66
CA LYS A 20 -11.49 20.42 -1.93
C LYS A 20 -11.26 21.92 -1.96
N ARG A 21 -11.55 22.60 -0.85
CA ARG A 21 -11.42 24.07 -0.80
C ARG A 21 -9.97 24.50 -0.96
N VAL A 22 -9.06 23.78 -0.34
CA VAL A 22 -7.66 24.20 -0.31
C VAL A 22 -6.92 23.85 -1.61
N SER A 23 -7.30 22.76 -2.31
CA SER A 23 -6.47 22.24 -3.40
C SER A 23 -7.01 22.52 -4.80
N ASN A 24 -8.32 22.55 -4.99
CA ASN A 24 -8.89 22.73 -6.33
C ASN A 24 -8.56 21.57 -7.28
N VAL A 25 -7.99 20.48 -6.77
CA VAL A 25 -7.66 19.30 -7.57
C VAL A 25 -8.73 18.24 -7.34
N LEU A 26 -9.25 17.64 -8.43
CA LEU A 26 -10.18 16.52 -8.33
C LEU A 26 -9.49 15.25 -8.82
N PRO A 27 -8.94 14.45 -7.92
CA PRO A 27 -8.12 13.31 -8.34
C PRO A 27 -8.98 12.10 -8.68
N ASP A 28 -8.52 11.32 -9.65
CA ASP A 28 -9.12 9.99 -9.85
C ASP A 28 -8.13 8.84 -9.65
N ILE A 29 -6.90 9.13 -9.18
CA ILE A 29 -5.92 8.10 -8.81
C ILE A 29 -5.36 8.43 -7.42
N GLY A 30 -5.21 7.40 -6.58
CA GLY A 30 -4.57 7.57 -5.29
C GLY A 30 -3.31 6.71 -5.24
N ILE A 31 -2.32 7.15 -4.46
CA ILE A 31 -1.05 6.41 -4.31
C ILE A 31 -0.64 6.41 -2.84
N ILE A 32 -0.12 5.25 -2.40
CA ILE A 32 0.46 5.03 -1.07
C ILE A 32 1.79 4.34 -1.26
N GLY A 34 5.67 2.86 -0.13
CA GLY A 34 6.48 2.23 0.92
C GLY A 34 7.65 3.04 1.42
N SER A 35 8.26 2.58 2.51
CA SER A 35 9.33 3.33 3.15
C SER A 35 10.53 3.42 2.23
N GLY A 36 11.06 4.63 2.06
CA GLY A 36 12.15 4.89 1.14
C GLY A 36 11.75 4.93 -0.33
N LEU A 37 10.46 4.79 -0.63
CA LEU A 37 9.93 4.69 -2.01
C LEU A 37 9.02 5.86 -2.38
N GLY A 38 9.19 7.03 -1.75
CA GLY A 38 8.23 8.12 -1.94
C GLY A 38 8.73 9.28 -2.80
N LYS A 39 9.86 9.13 -3.47
CA LYS A 39 10.41 10.23 -4.29
C LYS A 39 9.42 10.74 -5.35
N LEU A 40 8.56 9.87 -5.89
CA LEU A 40 7.59 10.33 -6.89
C LEU A 40 6.72 11.45 -6.36
N ILE A 41 6.37 11.39 -5.08
CA ILE A 41 5.51 12.41 -4.48
C ILE A 41 6.17 13.79 -4.55
N GLU A 42 7.49 13.86 -4.45
CA GLU A 42 8.15 15.16 -4.56
C GLU A 42 8.23 15.69 -6.00
N GLU A 43 7.74 14.95 -6.99
CA GLU A 43 7.74 15.41 -8.38
C GLU A 43 6.33 15.62 -8.92
N ILE A 44 5.30 15.53 -8.08
CA ILE A 44 3.95 15.90 -8.50
C ILE A 44 3.97 17.36 -8.95
N GLU A 45 3.36 17.66 -10.12
CA GLU A 45 3.34 19.00 -10.68
C GLU A 45 2.18 19.83 -10.12
N GLU A 46 2.40 21.15 -10.04
CA GLU A 46 1.42 22.09 -9.52
C GLU A 46 0.79 21.57 -8.24
N ARG A 47 1.65 21.15 -7.31
CA ARG A 47 1.25 20.37 -6.15
C ARG A 47 0.78 21.24 -4.99
N LYS A 48 -0.02 20.62 -4.14
CA LYS A 48 -0.47 21.22 -2.89
C LYS A 48 -0.20 20.22 -1.76
N VAL A 49 0.53 20.67 -0.72
CA VAL A 49 0.87 19.84 0.44
C VAL A 49 -0.02 20.22 1.63
N ILE A 50 -0.80 19.25 2.13
CA ILE A 50 -1.72 19.45 3.26
C ILE A 50 -1.36 18.58 4.45
N PRO A 51 -0.85 19.14 5.54
CA PRO A 51 -0.52 18.31 6.70
C PRO A 51 -1.77 17.64 7.24
N TYR A 52 -1.66 16.35 7.54
CA TYR A 52 -2.78 15.64 8.16
C TYR A 52 -3.35 16.42 9.34
N ILE A 53 -2.48 17.04 10.14
CA ILE A 53 -2.91 17.66 11.39
C ILE A 53 -3.85 18.81 11.12
N ASN A 54 -3.82 19.35 9.90
CA ASN A 54 -4.70 20.45 9.50
C ASN A 54 -6.08 19.99 9.01
N ILE A 55 -6.27 18.72 8.72
CA ILE A 55 -7.48 18.22 8.04
C ILE A 55 -8.49 17.73 9.08
N PRO A 56 -9.73 18.20 9.03
CA PRO A 56 -10.74 17.74 9.99
C PRO A 56 -10.88 16.24 9.95
N ASN A 57 -10.87 15.61 11.14
CA ASN A 57 -11.13 14.20 11.40
C ASN A 57 -10.02 13.27 10.95
N PHE A 58 -8.88 13.77 10.44
CA PHE A 58 -7.75 12.89 10.19
C PHE A 58 -7.14 12.40 11.52
N PRO A 59 -6.59 11.18 11.51
CA PRO A 59 -6.09 10.58 12.75
C PRO A 59 -4.88 11.35 13.31
N LYS A 60 -4.77 11.35 14.65
CA LYS A 60 -3.62 11.99 15.32
C LYS A 60 -2.37 11.11 15.15
N THR A 61 -1.25 11.71 14.72
CA THR A 61 -0.03 10.93 14.44
C THR A 61 1.20 11.48 15.16
N THR A 62 1.04 12.36 16.18
CA THR A 62 2.17 12.96 16.86
C THR A 62 2.88 12.02 17.83
N VAL A 63 2.27 10.92 18.28
CA VAL A 63 3.07 10.03 19.13
C VAL A 63 4.17 9.39 18.29
N ALA A 64 3.83 8.91 17.08
CA ALA A 64 4.87 8.30 16.22
C ALA A 64 5.78 9.39 15.64
N GLY A 65 5.22 10.55 15.33
CA GLY A 65 5.99 11.61 14.72
C GLY A 65 6.26 11.35 13.25
N HIS A 66 7.30 12.02 12.76
CA HIS A 66 7.72 11.94 11.35
C HIS A 66 6.63 12.47 10.41
N VAL A 67 6.90 12.42 9.09
CA VAL A 67 6.09 13.16 8.11
C VAL A 67 4.68 12.60 8.03
N GLY A 68 3.72 13.49 7.81
CA GLY A 68 2.35 13.07 7.60
C GLY A 68 1.57 14.10 6.82
N ASN A 69 1.58 13.99 5.48
CA ASN A 69 0.95 14.95 4.56
C ASN A 69 0.11 14.24 3.50
N LEU A 70 -0.95 14.91 3.06
CA LEU A 70 -1.65 14.55 1.82
C LEU A 70 -1.16 15.49 0.71
N VAL A 71 -0.83 14.95 -0.46
CA VAL A 71 -0.25 15.75 -1.53
C VAL A 71 -1.06 15.56 -2.81
N LEU A 72 -1.55 16.67 -3.38
CA LEU A 72 -2.39 16.59 -4.56
C LEU A 72 -1.73 17.35 -5.71
N GLY A 73 -1.95 16.87 -6.93
CA GLY A 73 -1.42 17.52 -8.10
C GLY A 73 -1.51 16.62 -9.32
N SER A 74 -0.59 16.84 -10.29
CA SER A 74 -0.63 16.14 -11.58
C SER A 74 0.64 15.31 -11.81
N VAL A 75 0.45 14.12 -12.40
CA VAL A 75 1.52 13.26 -12.93
C VAL A 75 1.09 12.75 -14.30
N GLY A 76 1.96 12.89 -15.30
CA GLY A 76 1.63 12.41 -16.64
C GLY A 76 0.30 12.88 -17.21
N GLY A 77 -0.15 14.06 -16.79
CA GLY A 77 -1.41 14.57 -17.26
C GLY A 77 -2.59 14.09 -16.47
N ARG A 78 -2.36 13.34 -15.40
CA ARG A 78 -3.42 12.74 -14.59
C ARG A 78 -3.45 13.36 -13.20
N LYS A 79 -4.64 13.50 -12.63
CA LYS A 79 -4.81 14.11 -11.33
C LYS A 79 -4.70 13.05 -10.24
N ILE A 80 -3.81 13.27 -9.24
CA ILE A 80 -3.58 12.25 -8.24
C ILE A 80 -3.65 12.83 -6.83
N VAL A 81 -3.87 11.95 -5.86
CA VAL A 81 -3.71 12.28 -4.44
C VAL A 81 -2.82 11.22 -3.78
N ALA A 82 -1.81 11.65 -3.01
CA ALA A 82 -0.83 10.77 -2.36
C ALA A 82 -0.87 10.91 -0.83
N MET A 83 -0.73 9.77 -0.12
CA MET A 83 -0.41 9.82 1.32
C MET A 83 1.11 9.80 1.49
N GLN A 84 1.66 10.85 2.10
CA GLN A 84 3.09 10.94 2.40
C GLN A 84 3.26 10.68 3.90
N GLY A 85 3.68 9.48 4.26
CA GLY A 85 3.59 9.05 5.64
C GLY A 85 2.39 8.14 5.81
N ARG A 86 2.65 6.88 5.61
CA ARG A 86 1.61 5.86 5.71
C ARG A 86 1.34 5.52 7.16
N LEU A 87 0.09 5.12 7.44
CA LEU A 87 -0.31 4.69 8.77
C LEU A 87 -0.27 3.16 8.84
N HIS A 88 0.42 2.60 9.84
CA HIS A 88 0.56 1.14 9.95
C HIS A 88 -0.12 0.65 11.23
N MET A 89 -0.80 -0.52 11.16
CA MET A 89 -1.54 -1.00 12.34
C MET A 89 -0.60 -1.44 13.49
N TYR A 90 0.66 -1.80 13.21
CA TYR A 90 1.57 -2.13 14.33
C TYR A 90 1.91 -0.91 15.21
N GLU A 91 1.58 0.32 14.78
CA GLU A 91 1.80 1.52 15.59
C GLU A 91 0.69 1.72 16.60
N GLY A 92 -0.36 0.92 16.51
CA GLY A 92 -1.49 1.04 17.41
C GLY A 92 -2.68 1.83 16.91
N TYR A 93 -2.67 2.28 15.65
CA TYR A 93 -3.87 2.93 15.07
C TYR A 93 -5.04 1.95 15.03
N SER A 94 -6.25 2.47 15.27
CA SER A 94 -7.48 1.68 15.20
C SER A 94 -7.92 1.44 13.77
N ASN A 95 -8.85 0.48 13.61
CA ASN A 95 -9.53 0.22 12.34
C ASN A 95 -10.08 1.52 11.74
N GLN A 96 -10.71 2.34 12.58
CA GLN A 96 -11.32 3.58 12.11
C GLN A 96 -10.29 4.59 11.60
N GLU A 97 -9.12 4.65 12.26
CA GLU A 97 -8.07 5.60 11.86
C GLU A 97 -7.45 5.20 10.52
N ILE A 98 -7.25 3.90 10.29
CA ILE A 98 -6.70 3.43 9.02
C ILE A 98 -7.69 3.69 7.88
N ALA A 99 -9.00 3.48 8.14
CA ALA A 99 -9.95 3.50 7.04
C ALA A 99 -10.32 4.91 6.58
N LEU A 100 -10.30 5.88 7.49
CA LEU A 100 -10.82 7.20 7.12
C LEU A 100 -10.08 7.85 5.96
N PRO A 101 -8.75 7.81 5.84
CA PRO A 101 -8.11 8.44 4.67
C PRO A 101 -8.47 7.79 3.33
N ILE A 102 -8.65 6.46 3.29
CA ILE A 102 -9.06 5.79 2.04
C ILE A 102 -10.49 6.17 1.65
N ARG A 103 -11.40 6.23 2.65
CA ARG A 103 -12.76 6.68 2.38
C ARG A 103 -12.81 8.16 1.95
N VAL A 104 -11.92 9.04 2.46
CA VAL A 104 -11.85 10.41 1.91
C VAL A 104 -11.41 10.38 0.44
N MET A 105 -10.43 9.52 0.11
CA MET A 105 -10.06 9.35 -1.29
C MET A 105 -11.27 9.02 -2.15
N LYS A 106 -12.09 8.09 -1.67
CA LYS A 106 -13.28 7.71 -2.44
C LYS A 106 -14.19 8.90 -2.69
N LEU A 107 -14.47 9.66 -1.64
CA LEU A 107 -15.33 10.85 -1.80
C LEU A 107 -14.70 11.92 -2.69
N LEU A 108 -13.38 11.98 -2.80
CA LEU A 108 -12.74 12.94 -3.66
C LEU A 108 -12.81 12.54 -5.13
N GLY A 109 -13.13 11.28 -5.41
CA GLY A 109 -13.25 10.78 -6.79
C GLY A 109 -12.32 9.64 -7.20
N VAL A 110 -11.48 9.15 -6.29
CA VAL A 110 -10.47 8.14 -6.61
C VAL A 110 -11.15 6.86 -7.07
N ARG A 111 -10.70 6.33 -8.21
CA ARG A 111 -11.22 5.08 -8.77
C ARG A 111 -10.17 3.96 -8.83
N VAL A 112 -8.89 4.30 -8.73
CA VAL A 112 -7.74 3.38 -8.77
C VAL A 112 -6.73 3.76 -7.70
N LEU A 113 -6.30 2.79 -6.86
CA LEU A 113 -5.29 2.98 -5.82
C LEU A 113 -4.06 2.15 -6.15
N LEU A 114 -2.88 2.81 -6.20
CA LEU A 114 -1.57 2.17 -6.44
C LEU A 114 -0.77 2.16 -5.15
N ILE A 115 -0.22 0.97 -4.76
CA ILE A 115 0.44 0.76 -3.48
C ILE A 115 1.78 0.03 -3.65
N THR A 116 2.83 0.51 -2.96
CA THR A 116 4.08 -0.24 -2.88
C THR A 116 4.40 -0.53 -1.41
N ASN A 117 5.20 -1.59 -1.20
CA ASN A 117 5.69 -1.92 0.12
C ASN A 117 7.03 -2.63 0.00
N LEU A 118 7.71 -2.74 1.15
CA LEU A 118 8.88 -3.60 1.31
C LEU A 118 8.47 -4.89 2.02
N ALA A 119 9.02 -6.02 1.57
CA ALA A 119 8.59 -7.32 2.05
C ALA A 119 9.73 -8.31 2.08
N GLY A 120 9.56 -9.36 2.90
CA GLY A 120 10.48 -10.50 2.88
C GLY A 120 10.07 -11.57 1.89
N GLY A 121 11.06 -12.15 1.20
CA GLY A 121 10.79 -13.21 0.24
C GLY A 121 10.71 -14.60 0.89
N ILE A 122 9.67 -15.36 0.54
CA ILE A 122 9.50 -16.76 0.96
C ILE A 122 9.79 -17.74 -0.20
N ASN A 123 9.12 -17.56 -1.34
CA ASN A 123 9.34 -18.39 -2.53
C ASN A 123 10.84 -18.44 -2.88
N ARG A 124 11.35 -19.65 -3.14
CA ARG A 124 12.78 -19.81 -3.40
C ARG A 124 13.25 -19.03 -4.64
N LYS A 125 12.35 -18.67 -5.56
CA LYS A 125 12.77 -17.93 -6.75
C LYS A 125 13.06 -16.45 -6.50
N LEU A 126 12.70 -15.89 -5.33
CA LEU A 126 12.83 -14.47 -5.09
C LEU A 126 14.19 -14.10 -4.47
N LYS A 127 14.82 -13.03 -5.00
CA LYS A 127 16.09 -12.46 -4.54
C LYS A 127 15.87 -11.03 -4.06
N SER A 128 16.82 -10.55 -3.26
CA SER A 128 16.84 -9.14 -2.89
C SER A 128 16.84 -8.27 -4.15
N GLY A 129 15.96 -7.26 -4.19
CA GLY A 129 15.84 -6.35 -5.32
C GLY A 129 14.77 -6.71 -6.33
N ASP A 130 14.13 -7.86 -6.21
CA ASP A 130 13.05 -8.29 -7.11
C ASP A 130 11.75 -7.54 -6.78
N PHE A 131 10.82 -7.47 -7.76
CA PHE A 131 9.47 -6.93 -7.54
C PHE A 131 8.42 -8.06 -7.62
N VAL A 132 7.41 -8.04 -6.77
CA VAL A 132 6.31 -9.01 -6.85
C VAL A 132 4.99 -8.28 -7.04
N LEU A 133 4.28 -8.55 -8.15
CA LEU A 133 2.90 -8.11 -8.34
C LEU A 133 1.98 -8.96 -7.48
N ILE A 134 1.28 -8.38 -6.53
CA ILE A 134 0.46 -9.13 -5.57
C ILE A 134 -0.85 -9.57 -6.23
N LYS A 135 -1.09 -10.88 -6.26
CA LYS A 135 -2.30 -11.43 -6.87
C LYS A 135 -3.32 -11.96 -5.87
N GLY A 136 -2.99 -12.02 -4.58
CA GLY A 136 -3.90 -12.48 -3.53
C GLY A 136 -3.19 -12.38 -2.21
N HIS A 137 -3.90 -12.71 -1.11
CA HIS A 137 -3.25 -12.57 0.21
C HIS A 137 -3.73 -13.61 1.22
N ILE A 138 -2.93 -13.78 2.29
CA ILE A 138 -3.33 -14.54 3.49
C ILE A 138 -3.28 -13.57 4.68
N ASN A 139 -4.45 -13.27 5.24
CA ASN A 139 -4.66 -12.19 6.21
C ASN A 139 -4.77 -12.79 7.63
N PHE A 140 -3.63 -13.03 8.28
CA PHE A 140 -3.70 -13.63 9.62
C PHE A 140 -4.47 -12.73 10.60
N PRO A 141 -4.32 -11.41 10.60
CA PRO A 141 -5.19 -10.63 11.50
C PRO A 141 -6.67 -10.80 11.22
N GLY A 142 -7.07 -10.86 9.94
CA GLY A 142 -8.48 -11.04 9.61
C GLY A 142 -9.05 -12.37 10.06
N LEU A 143 -8.33 -13.48 9.82
CA LEU A 143 -8.78 -14.75 10.38
C LEU A 143 -8.93 -14.67 11.89
N GLY A 144 -8.05 -13.91 12.54
CA GLY A 144 -7.96 -13.87 14.00
C GLY A 144 -8.73 -12.80 14.76
N LEU A 145 -9.78 -12.22 14.15
CA LEU A 145 -10.72 -11.22 14.73
C LEU A 145 -10.13 -9.80 14.85
N ASN A 146 -9.04 -9.51 14.05
CA ASN A 146 -8.47 -8.15 13.93
C ASN A 146 -8.57 -7.63 12.49
N ASN A 147 -9.56 -8.11 11.70
CA ASN A 147 -9.82 -7.54 10.38
C ASN A 147 -10.09 -6.04 10.49
N VAL A 148 -9.61 -5.26 9.51
CA VAL A 148 -9.82 -3.79 9.49
C VAL A 148 -11.32 -3.40 9.45
N LEU A 149 -12.22 -4.31 9.03
CA LEU A 149 -13.66 -4.02 8.98
C LEU A 149 -14.44 -4.49 10.22
N VAL A 150 -13.77 -5.07 11.23
CA VAL A 150 -14.51 -5.41 12.47
C VAL A 150 -15.10 -4.12 13.06
N GLY A 151 -16.41 -4.15 13.37
CA GLY A 151 -17.13 -3.00 13.84
C GLY A 151 -18.44 -2.87 13.06
N PRO A 152 -19.25 -1.88 13.37
CA PRO A 152 -20.44 -1.63 12.54
C PRO A 152 -20.06 -1.41 11.08
N ASN A 153 -20.94 -1.83 10.18
CA ASN A 153 -20.72 -1.53 8.77
C ASN A 153 -21.16 -0.10 8.44
N GLN A 154 -20.35 0.60 7.64
CA GLN A 154 -20.72 1.92 7.10
C GLN A 154 -21.34 1.68 5.72
N ASP A 155 -22.68 1.56 5.72
CA ASP A 155 -23.45 1.11 4.54
C ASP A 155 -23.25 2.00 3.31
N GLU A 156 -23.00 3.32 3.49
CA GLU A 156 -22.86 4.19 2.32
C GLU A 156 -21.62 3.87 1.51
N PHE A 157 -20.63 3.18 2.11
CA PHE A 157 -19.40 2.87 1.40
C PHE A 157 -19.42 1.49 0.78
N GLY A 158 -20.12 0.51 1.39
CA GLY A 158 -20.04 -0.86 0.92
C GLY A 158 -20.85 -1.86 1.74
N PRO A 159 -20.78 -3.14 1.35
CA PRO A 159 -21.59 -4.18 1.98
C PRO A 159 -20.99 -4.75 3.27
N ARG A 160 -21.87 -5.33 4.08
CA ARG A 160 -21.46 -5.92 5.36
C ARG A 160 -20.42 -7.03 5.16
N PHE A 161 -20.60 -7.88 4.14
CA PHE A 161 -19.72 -9.02 3.86
C PHE A 161 -19.05 -8.94 2.49
N PRO A 162 -17.89 -8.29 2.35
CA PRO A 162 -17.24 -8.18 1.03
C PRO A 162 -16.58 -9.48 0.58
N ASP A 163 -16.59 -9.69 -0.73
CA ASP A 163 -15.87 -10.73 -1.47
C ASP A 163 -14.56 -10.11 -1.97
N LEU A 164 -13.42 -10.72 -1.59
CA LEU A 164 -12.08 -10.23 -1.94
C LEU A 164 -11.46 -10.99 -3.13
N SER A 165 -12.26 -11.82 -3.84
CA SER A 165 -11.76 -12.63 -4.95
C SER A 165 -11.05 -11.79 -6.00
N ASN A 166 -11.59 -10.60 -6.27
CA ASN A 166 -11.05 -9.74 -7.30
C ASN A 166 -10.46 -8.44 -6.73
N ALA A 167 -9.96 -8.47 -5.49
CA ALA A 167 -9.37 -7.28 -4.86
C ALA A 167 -8.16 -6.74 -5.60
N TYR A 168 -7.38 -7.61 -6.25
CA TYR A 168 -6.19 -7.23 -7.02
C TYR A 168 -6.52 -7.31 -8.52
N ASP A 169 -6.73 -6.15 -9.15
CA ASP A 169 -7.19 -6.09 -10.55
C ASP A 169 -6.22 -6.77 -11.53
N ARG A 170 -6.77 -7.69 -12.35
CA ARG A 170 -5.92 -8.44 -13.26
C ARG A 170 -5.39 -7.58 -14.40
N LEU A 171 -6.22 -6.72 -14.98
CA LEU A 171 -5.73 -5.85 -16.04
C LEU A 171 -4.63 -4.88 -15.59
N LEU A 172 -4.67 -4.37 -14.34
CA LEU A 172 -3.59 -3.52 -13.85
C LEU A 172 -2.30 -4.32 -13.66
N GLN A 173 -2.38 -5.58 -13.25
CA GLN A 173 -1.18 -6.41 -13.21
C GLN A 173 -0.59 -6.58 -14.62
N GLN A 174 -1.46 -6.76 -15.62
CA GLN A 174 -0.98 -6.96 -17.00
C GLN A 174 -0.34 -5.69 -17.55
N LEU A 175 -0.89 -4.52 -17.23
CA LEU A 175 -0.28 -3.26 -17.65
C LEU A 175 1.09 -3.07 -16.99
N ALA A 176 1.17 -3.37 -15.70
CA ALA A 176 2.45 -3.21 -15.02
C ALA A 176 3.52 -4.09 -15.66
N LEU A 177 3.19 -5.35 -15.95
CA LEU A 177 4.14 -6.25 -16.60
C LEU A 177 4.50 -5.80 -18.02
N LYS A 178 3.52 -5.34 -18.79
CA LYS A 178 3.79 -4.82 -20.13
C LYS A 178 4.87 -3.71 -20.12
N ILE A 179 4.76 -2.76 -19.19
CA ILE A 179 5.66 -1.63 -19.14
C ILE A 179 7.06 -2.08 -18.72
N ALA A 180 7.15 -3.08 -17.83
CA ALA A 180 8.45 -3.66 -17.48
C ALA A 180 9.10 -4.35 -18.69
N GLN A 181 8.29 -5.03 -19.51
CA GLN A 181 8.82 -5.63 -20.76
C GLN A 181 9.32 -4.59 -21.73
N GLU A 182 8.62 -3.45 -21.83
CA GLU A 182 9.02 -2.39 -22.76
C GLU A 182 10.39 -1.80 -22.41
N ASN A 183 10.74 -1.78 -21.14
CA ASN A 183 11.98 -1.22 -20.64
C ASN A 183 13.01 -2.29 -20.25
N ASP A 184 12.74 -3.55 -20.60
CA ASP A 184 13.68 -4.67 -20.45
C ASP A 184 14.11 -4.90 -19.00
N PHE A 185 13.18 -4.77 -18.05
CA PHE A 185 13.45 -5.23 -16.69
C PHE A 185 12.43 -6.27 -16.22
N GLN A 186 11.78 -6.95 -17.16
CA GLN A 186 10.83 -8.01 -16.80
C GLN A 186 11.50 -9.16 -16.04
N ASP A 187 12.81 -9.35 -16.20
CA ASP A 187 13.50 -10.37 -15.43
C ASP A 187 13.46 -10.14 -13.92
N LEU A 188 13.07 -8.93 -13.49
CA LEU A 188 12.95 -8.64 -12.05
C LEU A 188 11.55 -8.84 -11.49
N VAL A 189 10.56 -9.09 -12.35
CA VAL A 189 9.15 -8.97 -11.99
C VAL A 189 8.50 -10.37 -11.89
N HIS A 190 8.02 -10.71 -10.69
CA HIS A 190 7.29 -11.95 -10.39
C HIS A 190 5.84 -11.63 -10.02
N GLU A 191 5.02 -12.67 -9.85
CA GLU A 191 3.71 -12.50 -9.19
C GLU A 191 3.62 -13.41 -7.97
N GLY A 192 2.78 -13.07 -7.00
CA GLY A 192 2.70 -13.95 -5.83
C GLY A 192 1.65 -13.54 -4.81
N VAL A 193 1.54 -14.41 -3.77
CA VAL A 193 0.61 -14.27 -2.62
C VAL A 193 1.33 -13.63 -1.45
N TYR A 194 0.70 -12.58 -0.87
CA TYR A 194 1.25 -11.77 0.22
C TYR A 194 0.66 -12.20 1.55
N ALA A 195 1.54 -12.59 2.50
CA ALA A 195 1.10 -12.85 3.88
C ALA A 195 1.24 -11.59 4.71
N PHE A 196 0.16 -11.25 5.45
CA PHE A 196 0.13 -10.08 6.33
C PHE A 196 0.55 -10.56 7.74
N ASN A 197 1.79 -10.21 8.15
CA ASN A 197 2.28 -10.33 9.51
C ASN A 197 2.03 -9.00 10.21
N GLY A 198 1.17 -9.01 11.23
CA GLY A 198 0.79 -7.76 11.90
C GLY A 198 1.98 -6.90 12.35
N GLY A 199 3.06 -7.54 12.79
CA GLY A 199 4.31 -6.85 13.19
C GLY A 199 4.27 -6.31 14.63
N PRO A 200 5.29 -5.56 15.07
CA PRO A 200 6.38 -4.99 14.25
C PRO A 200 7.65 -5.81 14.18
N THR A 201 7.74 -6.95 14.87
CA THR A 201 8.88 -7.84 14.72
C THR A 201 8.83 -8.52 13.35
N TYR A 202 9.99 -8.61 12.71
CA TYR A 202 10.13 -9.41 11.51
C TYR A 202 9.64 -10.83 11.85
N GLU A 203 9.07 -11.57 10.89
CA GLU A 203 8.69 -12.92 11.26
C GLU A 203 9.92 -13.79 11.60
N SER A 204 9.73 -14.70 12.57
CA SER A 204 10.80 -15.56 13.06
C SER A 204 11.17 -16.60 12.00
N PRO A 205 12.36 -17.22 12.13
CA PRO A 205 12.76 -18.22 11.12
C PRO A 205 11.78 -19.37 11.02
N ASP A 206 11.22 -19.81 12.17
CA ASP A 206 10.24 -20.88 12.12
C ASP A 206 8.89 -20.41 11.56
N GLU A 207 8.51 -19.14 11.78
CA GLU A 207 7.36 -18.62 11.08
C GLU A 207 7.57 -18.57 9.56
N SER A 208 8.75 -18.19 9.10
CA SER A 208 8.99 -18.18 7.66
C SER A 208 8.81 -19.57 7.08
N ASN A 209 9.32 -20.58 7.78
CA ASN A 209 9.18 -21.95 7.30
C ASN A 209 7.73 -22.39 7.26
N MET A 210 6.94 -21.99 8.27
CA MET A 210 5.50 -22.25 8.24
C MET A 210 4.84 -21.60 7.02
N LEU A 211 5.18 -20.35 6.74
CA LEU A 211 4.58 -19.63 5.61
C LEU A 211 4.89 -20.27 4.28
N LEU A 212 6.09 -20.83 4.11
CA LEU A 212 6.42 -21.60 2.92
C LEU A 212 5.48 -22.80 2.73
N LYS A 213 5.20 -23.54 3.81
CA LYS A 213 4.25 -24.66 3.76
C LYS A 213 2.85 -24.22 3.35
N LEU A 214 2.44 -23.04 3.74
CA LEU A 214 1.06 -22.62 3.54
C LEU A 214 0.82 -21.91 2.23
N GLY A 215 1.78 -21.87 1.33
CA GLY A 215 1.60 -21.27 0.02
C GLY A 215 1.85 -19.78 -0.10
N CYS A 216 2.56 -19.17 0.83
CA CYS A 216 2.86 -17.74 0.75
C CYS A 216 4.14 -17.52 -0.04
N ASP A 217 4.15 -16.44 -0.83
CA ASP A 217 5.34 -16.09 -1.59
C ASP A 217 6.14 -14.95 -0.96
N VAL A 218 5.49 -14.00 -0.31
CA VAL A 218 6.16 -12.87 0.33
C VAL A 218 5.46 -12.59 1.66
N VAL A 219 6.13 -11.86 2.56
CA VAL A 219 5.56 -11.49 3.88
C VAL A 219 5.87 -10.02 4.20
N GLY A 220 4.84 -9.31 4.69
CA GLY A 220 5.05 -7.94 5.12
C GLY A 220 4.05 -7.50 6.17
N MET A 221 4.16 -6.19 6.58
CA MET A 221 3.44 -5.63 7.75
C MET A 221 2.43 -4.54 7.38
N SER A 222 2.04 -4.46 6.11
CA SER A 222 1.17 -3.37 5.65
C SER A 222 0.25 -3.88 4.54
N THR A 223 -0.36 -2.90 3.86
CA THR A 223 -1.04 -3.06 2.56
C THR A 223 -2.43 -3.74 2.63
N VAL A 224 -2.54 -4.93 3.28
CA VAL A 224 -3.83 -5.64 3.31
C VAL A 224 -4.96 -4.82 3.95
N PRO A 225 -4.74 -4.04 5.03
CA PRO A 225 -5.84 -3.22 5.58
C PRO A 225 -6.37 -2.21 4.55
N GLU A 226 -5.45 -1.53 3.83
CA GLU A 226 -5.87 -0.54 2.82
C GLU A 226 -6.58 -1.21 1.63
N VAL A 227 -6.06 -2.34 1.17
CA VAL A 227 -6.71 -3.10 0.07
C VAL A 227 -8.16 -3.43 0.43
N ILE A 228 -8.40 -3.89 1.67
CA ILE A 228 -9.75 -4.31 2.07
C ILE A 228 -10.68 -3.11 2.11
N ILE A 229 -10.24 -1.97 2.68
CA ILE A 229 -11.08 -0.76 2.67
C ILE A 229 -11.37 -0.30 1.24
N ALA A 230 -10.36 -0.29 0.36
CA ALA A 230 -10.58 0.06 -1.05
C ALA A 230 -11.58 -0.88 -1.74
N CYS A 231 -11.40 -2.21 -1.59
CA CYS A 231 -12.32 -3.17 -2.24
C CYS A 231 -13.74 -3.02 -1.74
N HIS A 232 -13.91 -2.82 -0.44
CA HIS A 232 -15.22 -2.59 0.15
C HIS A 232 -15.98 -1.48 -0.55
N CYS A 233 -15.30 -0.37 -0.91
CA CYS A 233 -15.95 0.80 -1.49
C CYS A 233 -15.76 0.92 -3.00
N GLY A 234 -15.31 -0.14 -3.69
CA GLY A 234 -15.30 -0.16 -5.15
C GLY A 234 -14.10 0.47 -5.85
N ILE A 235 -12.99 0.66 -5.17
CA ILE A 235 -11.76 1.21 -5.73
C ILE A 235 -10.90 0.04 -6.19
N LYS A 236 -10.41 0.09 -7.44
CA LYS A 236 -9.50 -0.93 -7.99
C LYS A 236 -8.09 -0.75 -7.42
N VAL A 237 -7.35 -1.88 -7.22
CA VAL A 237 -6.01 -1.84 -6.60
C VAL A 237 -4.94 -2.54 -7.44
N LEU A 238 -3.77 -1.92 -7.53
CA LEU A 238 -2.51 -2.56 -7.89
C LEU A 238 -1.55 -2.46 -6.70
N ALA A 239 -0.98 -3.59 -6.25
CA ALA A 239 -0.03 -3.57 -5.12
C ALA A 239 1.24 -4.30 -5.53
N VAL A 240 2.40 -3.69 -5.26
CA VAL A 240 3.71 -4.23 -5.69
C VAL A 240 4.62 -4.27 -4.48
N SER A 241 5.22 -5.43 -4.19
CA SER A 241 6.23 -5.53 -3.15
C SER A 241 7.64 -5.47 -3.74
N LEU A 242 8.55 -4.74 -3.04
CA LEU A 242 9.99 -4.81 -3.30
C LEU A 242 10.60 -5.75 -2.27
N ILE A 243 11.32 -6.73 -2.75
CA ILE A 243 11.86 -7.78 -1.89
C ILE A 243 13.17 -7.34 -1.25
N ALA A 244 13.22 -7.32 0.10
CA ALA A 244 14.43 -6.91 0.82
C ALA A 244 15.47 -8.03 0.90
N ASN A 245 15.01 -9.28 1.01
CA ASN A 245 15.82 -10.45 1.35
C ASN A 245 14.98 -11.69 1.10
N ASN A 246 15.64 -12.88 1.13
CA ASN A 246 14.93 -14.15 1.14
C ASN A 246 15.05 -14.72 2.56
N SER A 247 13.92 -14.70 3.28
N SER A 247 13.94 -14.71 3.30
CA SER A 247 13.84 -15.14 4.68
CA SER A 247 13.97 -15.12 4.69
C SER A 247 14.23 -16.61 4.85
C SER A 247 14.22 -16.61 4.86
N ILE A 248 13.91 -17.46 3.86
CA ILE A 248 14.20 -18.89 3.97
C ILE A 248 15.71 -19.15 3.79
N LEU A 249 16.33 -18.51 2.80
CA LEU A 249 17.79 -18.63 2.66
C LEU A 249 18.48 -18.08 3.90
N ASP A 250 18.01 -16.94 4.44
CA ASP A 250 18.69 -16.36 5.59
C ASP A 250 18.55 -17.27 6.83
N ALA A 251 17.42 -17.99 6.98
CA ALA A 251 17.33 -18.98 8.06
C ALA A 251 18.29 -20.13 7.87
N GLU A 252 18.47 -20.64 6.63
CA GLU A 252 19.40 -21.75 6.38
C GLU A 252 20.84 -21.37 6.71
N ASN A 253 21.21 -20.11 6.46
CA ASN A 253 22.56 -19.58 6.66
C ASN A 253 22.75 -18.78 7.97
N ASP A 254 21.75 -18.72 8.84
CA ASP A 254 21.75 -17.89 10.05
C ASP A 254 22.28 -16.46 9.81
N VAL A 255 21.62 -15.76 8.89
CA VAL A 255 21.90 -14.37 8.56
C VAL A 255 20.79 -13.48 9.16
N SER A 256 21.19 -12.37 9.77
CA SER A 256 20.24 -11.46 10.42
C SER A 256 19.71 -10.41 9.45
N ILE A 257 18.75 -9.61 9.92
CA ILE A 257 18.18 -8.52 9.13
C ILE A 257 17.93 -7.33 10.05
N ASN A 258 17.87 -6.14 9.48
CA ASN A 258 17.58 -4.94 10.26
C ASN A 258 17.04 -3.89 9.32
N HIS A 259 16.41 -2.85 9.89
CA HIS A 259 15.71 -1.88 9.04
C HIS A 259 16.71 -1.14 8.11
N GLU A 260 17.98 -1.03 8.51
CA GLU A 260 18.95 -0.33 7.67
C GLU A 260 19.20 -1.09 6.38
N LYS A 261 19.33 -2.42 6.47
CA LYS A 261 19.51 -3.23 5.25
C LYS A 261 18.29 -3.13 4.35
N VAL A 262 17.09 -3.08 4.96
CA VAL A 262 15.87 -2.91 4.16
C VAL A 262 15.91 -1.60 3.38
N LEU A 263 16.20 -0.50 4.06
CA LEU A 263 16.23 0.81 3.42
C LEU A 263 17.32 0.91 2.37
N ALA A 264 18.43 0.17 2.53
CA ALA A 264 19.47 0.19 1.49
C ALA A 264 18.96 -0.42 0.18
N VAL A 265 18.14 -1.48 0.29
CA VAL A 265 17.50 -2.06 -0.89
C VAL A 265 16.53 -1.08 -1.51
N ALA A 266 15.79 -0.33 -0.68
CA ALA A 266 14.86 0.65 -1.25
C ALA A 266 15.59 1.73 -2.02
N GLU A 267 16.74 2.18 -1.50
CA GLU A 267 17.48 3.21 -2.22
C GLU A 267 17.97 2.66 -3.56
N LYS A 268 18.38 1.39 -3.58
CA LYS A 268 18.93 0.79 -4.81
C LYS A 268 17.89 0.74 -5.94
N ARG A 269 16.62 0.54 -5.58
CA ARG A 269 15.55 0.40 -6.59
C ARG A 269 14.62 1.63 -6.66
N ALA A 270 14.84 2.67 -5.86
CA ALA A 270 13.88 3.79 -5.81
C ALA A 270 13.66 4.44 -7.18
N ASP A 271 14.72 4.71 -7.92
CA ASP A 271 14.59 5.51 -9.15
C ASP A 271 13.88 4.71 -10.26
N LEU A 272 14.14 3.40 -10.34
CA LEU A 272 13.43 2.53 -11.30
C LEU A 272 11.94 2.41 -10.98
N LEU A 273 11.61 2.22 -9.70
CA LEU A 273 10.21 2.16 -9.28
C LEU A 273 9.49 3.47 -9.58
N GLN A 274 10.19 4.59 -9.38
CA GLN A 274 9.57 5.90 -9.67
C GLN A 274 9.22 5.99 -11.15
N MET A 275 10.18 5.63 -12.02
CA MET A 275 9.93 5.68 -13.45
C MET A 275 8.81 4.70 -13.87
N TRP A 276 8.79 3.50 -13.28
CA TRP A 276 7.75 2.53 -13.59
C TRP A 276 6.36 3.07 -13.29
N PHE A 277 6.17 3.58 -12.06
CA PHE A 277 4.86 4.02 -11.62
C PHE A 277 4.42 5.30 -12.34
N LYS A 278 5.36 6.18 -12.72
CA LYS A 278 4.97 7.33 -13.53
C LYS A 278 4.31 6.87 -14.82
N GLU A 279 4.90 5.85 -15.46
CA GLU A 279 4.36 5.34 -16.72
C GLU A 279 3.04 4.59 -16.50
N ILE A 280 2.91 3.85 -15.40
CA ILE A 280 1.63 3.17 -15.13
C ILE A 280 0.51 4.19 -14.98
N ILE A 281 0.77 5.28 -14.22
CA ILE A 281 -0.19 6.37 -14.04
C ILE A 281 -0.56 6.98 -15.38
N THR A 282 0.46 7.27 -16.22
CA THR A 282 0.21 7.88 -17.52
C THR A 282 -0.69 7.01 -18.38
N ARG A 283 -0.54 5.69 -18.30
CA ARG A 283 -1.17 4.71 -19.20
C ARG A 283 -2.50 4.13 -18.68
N LEU A 284 -2.84 4.33 -17.41
CA LEU A 284 -4.11 3.81 -16.87
C LEU A 284 -5.27 4.16 -17.79
N PRO A 285 -6.16 3.22 -18.08
CA PRO A 285 -7.27 3.49 -19.01
C PRO A 285 -8.04 4.77 -18.68
#